data_6E55
#
_entry.id   6E55
#
_cell.length_a   79.010
_cell.length_b   79.010
_cell.length_c   74.660
_cell.angle_alpha   90.00
_cell.angle_beta   90.00
_cell.angle_gamma   120.00
#
_symmetry.space_group_name_H-M   'P 31'
#
loop_
_entity.id
_entity.type
_entity.pdbx_description
1 polymer 'FeoA protein'
2 water water
#
_entity_poly.entity_id   1
_entity_poly.type   'polypeptide(L)'
_entity_poly.pdbx_seq_one_letter_code
;MQFTPDSAWKITGFSRDISPAYRQKLLSLGMLPGSSFHVVRVAPLGDPVHIETRRVSLVLRKKDLALIELEAVAQENLYF
QSLEHHHHHH
;
_entity_poly.pdbx_strand_id   A,B,C,D,E,F
#
# COMPACT_ATOMS: atom_id res chain seq x y z
N MET A 1 -6.03 18.34 -15.72
CA MET A 1 -6.24 16.85 -15.73
C MET A 1 -6.28 16.21 -14.34
N GLN A 2 -6.87 16.92 -13.38
CA GLN A 2 -7.05 16.46 -11.99
C GLN A 2 -5.67 16.11 -11.44
N PHE A 3 -4.90 17.14 -11.10
CA PHE A 3 -3.59 17.01 -10.48
C PHE A 3 -3.78 16.82 -8.97
N THR A 4 -4.14 15.60 -8.58
CA THR A 4 -4.33 15.24 -7.18
C THR A 4 -2.98 15.31 -6.48
N PRO A 5 -2.90 15.88 -5.26
CA PRO A 5 -1.68 15.80 -4.44
C PRO A 5 -1.10 14.37 -4.42
N ASP A 6 0.23 14.28 -4.57
CA ASP A 6 1.02 13.04 -4.49
C ASP A 6 0.95 12.23 -5.81
N SER A 7 0.04 12.57 -6.72
CA SER A 7 0.06 11.96 -8.05
C SER A 7 1.39 12.30 -8.73
N ALA A 8 2.03 11.28 -9.31
CA ALA A 8 3.28 11.42 -10.03
C ALA A 8 3.00 11.37 -11.53
N TRP A 9 3.76 12.17 -12.28
CA TRP A 9 3.67 12.29 -13.72
C TRP A 9 5.07 12.22 -14.30
N LYS A 10 5.21 11.45 -15.39
CA LYS A 10 6.42 11.38 -16.17
C LYS A 10 6.28 12.31 -17.36
N ILE A 11 7.29 13.15 -17.58
CA ILE A 11 7.38 14.00 -18.75
C ILE A 11 7.88 13.12 -19.91
N THR A 12 7.06 12.98 -20.96
CA THR A 12 7.42 12.17 -22.12
C THR A 12 8.02 13.05 -23.21
N GLY A 13 7.49 14.27 -23.33
CA GLY A 13 7.89 15.23 -24.33
C GLY A 13 7.20 16.56 -24.07
N PHE A 14 7.16 17.42 -25.09
CA PHE A 14 6.43 18.68 -25.01
C PHE A 14 5.43 18.74 -26.18
N SER A 15 4.37 19.51 -26.00
CA SER A 15 3.35 19.71 -27.02
C SER A 15 4.00 20.36 -28.26
N ARG A 16 3.33 20.22 -29.41
CA ARG A 16 3.69 20.95 -30.62
C ARG A 16 3.52 22.46 -30.39
N ASP A 17 2.79 22.83 -29.32
CA ASP A 17 2.30 24.17 -29.08
C ASP A 17 3.24 24.98 -28.17
N ILE A 18 4.23 24.34 -27.55
CA ILE A 18 5.19 25.08 -26.69
C ILE A 18 6.23 25.75 -27.60
N SER A 19 6.61 26.98 -27.24
CA SER A 19 7.73 27.64 -27.91
C SER A 19 9.05 27.13 -27.34
N PRO A 20 10.13 27.10 -28.16
CA PRO A 20 11.43 26.67 -27.67
C PRO A 20 11.91 27.48 -26.46
N ALA A 21 11.60 28.78 -26.42
CA ALA A 21 12.01 29.64 -25.31
C ALA A 21 11.40 29.14 -23.99
N TYR A 22 10.09 28.89 -23.96
CA TYR A 22 9.44 28.49 -22.70
C TYR A 22 9.88 27.08 -22.32
N ARG A 23 10.12 26.23 -23.32
CA ARG A 23 10.61 24.86 -23.13
C ARG A 23 11.99 24.88 -22.45
N GLN A 24 12.87 25.82 -22.85
CA GLN A 24 14.21 25.94 -22.23
C GLN A 24 14.07 26.32 -20.75
N LYS A 25 13.13 27.23 -20.45
CA LYS A 25 12.93 27.68 -19.07
C LYS A 25 12.52 26.50 -18.17
N LEU A 26 11.57 25.69 -18.64
CA LEU A 26 11.07 24.56 -17.86
C LEU A 26 12.18 23.52 -17.69
N LEU A 27 12.93 23.28 -18.77
CA LEU A 27 14.03 22.31 -18.77
C LEU A 27 15.02 22.67 -17.65
N SER A 28 15.39 23.96 -17.57
CA SER A 28 16.37 24.47 -16.60
C SER A 28 15.84 24.33 -15.16
N LEU A 29 14.56 24.01 -15.00
CA LEU A 29 13.92 23.84 -13.69
C LEU A 29 13.81 22.36 -13.31
N GLY A 30 14.18 21.46 -14.22
CA GLY A 30 14.19 20.02 -13.95
C GLY A 30 13.08 19.24 -14.64
N MET A 31 12.27 19.90 -15.48
CA MET A 31 11.17 19.26 -16.18
C MET A 31 11.71 18.60 -17.45
N LEU A 32 12.53 17.55 -17.25
CA LEU A 32 13.19 16.81 -18.35
C LEU A 32 12.32 15.66 -18.81
N PRO A 33 12.10 15.45 -20.13
CA PRO A 33 11.53 14.20 -20.63
C PRO A 33 12.28 12.99 -20.06
N GLY A 34 11.51 12.00 -19.59
CA GLY A 34 12.05 10.83 -18.93
C GLY A 34 12.16 10.99 -17.42
N SER A 35 11.98 12.22 -16.93
CA SER A 35 11.96 12.52 -15.50
C SER A 35 10.52 12.68 -15.03
N SER A 36 10.30 12.37 -13.74
CA SER A 36 9.00 12.45 -13.04
C SER A 36 8.94 13.71 -12.16
N PHE A 37 7.72 14.20 -11.92
CA PHE A 37 7.46 15.14 -10.83
C PHE A 37 6.27 14.64 -10.03
N HIS A 38 6.17 15.15 -8.80
CA HIS A 38 5.06 14.95 -7.87
C HIS A 38 4.23 16.23 -7.81
N VAL A 39 2.91 16.09 -7.69
CA VAL A 39 2.08 17.23 -7.28
C VAL A 39 2.18 17.36 -5.76
N VAL A 40 2.52 18.57 -5.29
CA VAL A 40 2.68 18.85 -3.87
C VAL A 40 1.32 19.31 -3.32
N ARG A 41 0.73 20.30 -4.00
CA ARG A 41 -0.47 20.98 -3.54
C ARG A 41 -1.11 21.73 -4.72
N VAL A 42 -2.41 22.03 -4.59
CA VAL A 42 -3.18 22.70 -5.62
C VAL A 42 -3.94 23.87 -4.99
N ALA A 43 -4.05 24.96 -5.75
CA ALA A 43 -4.75 26.16 -5.30
C ALA A 43 -6.22 25.84 -5.09
N PRO A 44 -6.88 26.39 -4.04
CA PRO A 44 -8.33 26.48 -4.01
C PRO A 44 -8.73 27.05 -5.40
N LEU A 45 -9.80 26.52 -5.96
CA LEU A 45 -10.29 26.77 -7.35
C LEU A 45 -9.55 25.95 -8.42
N GLY A 46 -8.45 25.27 -8.03
CA GLY A 46 -7.87 24.17 -8.81
C GLY A 46 -6.80 24.61 -9.80
N ASP A 47 -6.25 25.81 -9.58
CA ASP A 47 -5.31 26.48 -10.49
C ASP A 47 -4.75 27.69 -9.76
N PRO A 48 -3.41 27.85 -9.70
CA PRO A 48 -2.38 27.04 -10.32
C PRO A 48 -2.11 25.70 -9.60
N VAL A 49 -1.01 25.03 -10.00
CA VAL A 49 -0.61 23.72 -9.50
C VAL A 49 0.85 23.81 -9.02
N HIS A 50 1.07 23.43 -7.76
CA HIS A 50 2.38 23.38 -7.14
C HIS A 50 2.96 21.96 -7.25
N ILE A 51 4.20 21.84 -7.72
CA ILE A 51 4.87 20.53 -7.98
C ILE A 51 6.33 20.57 -7.51
N GLU A 52 6.99 19.41 -7.60
CA GLU A 52 8.38 19.28 -7.18
C GLU A 52 9.12 18.33 -8.12
N THR A 53 10.26 18.80 -8.66
CA THR A 53 11.16 17.97 -9.49
C THR A 53 12.42 17.60 -8.70
N ARG A 54 13.29 16.79 -9.33
CA ARG A 54 14.61 16.46 -8.80
C ARG A 54 15.36 17.73 -8.38
N ARG A 55 15.21 18.81 -9.17
CA ARG A 55 16.02 20.01 -9.01
C ARG A 55 15.39 20.97 -7.99
N VAL A 56 14.10 21.27 -8.16
CA VAL A 56 13.43 22.35 -7.42
C VAL A 56 11.91 22.11 -7.39
N SER A 57 11.25 22.93 -6.56
CA SER A 57 9.80 23.06 -6.54
C SER A 57 9.41 24.27 -7.40
N LEU A 58 8.27 24.17 -8.09
CA LEU A 58 7.81 25.24 -9.00
C LEU A 58 6.27 25.29 -9.01
N VAL A 59 5.73 26.38 -9.56
CA VAL A 59 4.28 26.53 -9.74
C VAL A 59 4.05 26.91 -11.20
N LEU A 60 2.98 26.35 -11.76
CA LEU A 60 2.49 26.80 -13.04
C LEU A 60 1.01 26.44 -13.14
N ARG A 61 0.36 27.02 -14.16
CA ARG A 61 -1.06 26.88 -14.36
C ARG A 61 -1.30 25.60 -15.16
N LYS A 62 -2.55 25.09 -15.10
CA LYS A 62 -2.92 23.90 -15.86
C LYS A 62 -2.67 24.16 -17.35
N LYS A 63 -2.89 25.41 -17.78
CA LYS A 63 -2.72 25.78 -19.18
C LYS A 63 -1.22 25.66 -19.55
N ASP A 64 -0.33 25.92 -18.59
CA ASP A 64 1.14 25.73 -18.75
C ASP A 64 1.49 24.23 -18.80
N LEU A 65 0.85 23.42 -17.95
CA LEU A 65 1.07 21.97 -17.93
C LEU A 65 0.54 21.32 -19.22
N ALA A 66 -0.45 21.94 -19.86
CA ALA A 66 -1.00 21.41 -21.11
C ALA A 66 -0.06 21.61 -22.32
N LEU A 67 1.11 22.26 -22.12
CA LEU A 67 2.14 22.41 -23.17
C LEU A 67 3.20 21.30 -23.06
N ILE A 68 3.03 20.41 -22.08
CA ILE A 68 3.93 19.30 -21.79
C ILE A 68 3.16 17.98 -21.96
N GLU A 69 3.76 17.01 -22.66
CA GLU A 69 3.18 15.68 -22.75
C GLU A 69 3.51 14.92 -21.46
N LEU A 70 2.50 14.77 -20.60
CA LEU A 70 2.63 14.02 -19.36
C LEU A 70 2.00 12.64 -19.57
N GLU A 71 2.40 11.69 -18.73
CA GLU A 71 1.67 10.47 -18.60
C GLU A 71 1.74 10.01 -17.14
N ALA A 72 0.57 9.58 -16.65
CA ALA A 72 0.45 9.14 -15.30
C ALA A 72 1.38 7.96 -15.15
N VAL A 73 2.32 8.06 -14.19
CA VAL A 73 3.08 6.91 -13.77
C VAL A 73 2.00 5.99 -13.17
N ALA A 74 1.70 4.91 -13.89
CA ALA A 74 0.60 4.01 -13.56
C ALA A 74 1.18 2.63 -13.27
N GLN A 75 2.51 2.51 -13.29
CA GLN A 75 3.18 1.25 -13.03
C GLN A 75 2.97 0.87 -11.55
N GLU A 76 2.42 -0.32 -11.34
CA GLU A 76 2.06 -0.81 -10.03
C GLU A 76 3.24 -0.66 -9.07
N ASN A 77 4.38 -1.28 -9.43
CA ASN A 77 5.57 -1.39 -8.57
C ASN A 77 6.29 -0.03 -8.47
N LEU A 78 5.73 1.01 -9.10
CA LEU A 78 6.18 2.40 -8.99
C LEU A 78 5.13 3.24 -8.26
N TYR A 79 3.85 2.87 -8.36
CA TYR A 79 2.75 3.53 -7.64
C TYR A 79 2.92 3.36 -6.13
N PHE A 80 3.27 2.13 -5.70
CA PHE A 80 3.45 1.79 -4.28
C PHE A 80 4.10 2.97 -3.54
N MET B 1 18.10 2.93 -7.00
CA MET B 1 16.91 2.59 -6.14
C MET B 1 15.88 1.74 -6.88
N GLN B 2 16.16 1.45 -8.13
CA GLN B 2 15.23 0.68 -8.98
C GLN B 2 15.85 -0.69 -9.32
N PHE B 3 15.53 -1.75 -8.56
CA PHE B 3 16.00 -3.11 -8.80
C PHE B 3 14.97 -3.85 -9.66
N THR B 4 15.10 -3.69 -10.99
CA THR B 4 14.16 -4.24 -11.97
C THR B 4 14.46 -5.73 -12.18
N PRO B 5 13.44 -6.59 -12.37
CA PRO B 5 13.68 -8.00 -12.72
C PRO B 5 14.67 -8.19 -13.87
N ASP B 6 15.72 -8.99 -13.60
CA ASP B 6 16.73 -9.46 -14.56
C ASP B 6 17.83 -8.40 -14.75
N SER B 7 17.77 -7.30 -13.99
CA SER B 7 18.76 -6.21 -14.08
C SER B 7 20.06 -6.61 -13.35
N ALA B 8 21.19 -6.19 -13.90
CA ALA B 8 22.52 -6.57 -13.42
C ALA B 8 23.23 -5.39 -12.74
N TRP B 9 23.96 -5.74 -11.66
CA TRP B 9 24.68 -4.85 -10.79
C TRP B 9 26.06 -5.45 -10.52
N LYS B 10 27.10 -4.60 -10.60
CA LYS B 10 28.46 -4.96 -10.24
C LYS B 10 28.75 -4.42 -8.84
N ILE B 11 29.34 -5.26 -7.99
CA ILE B 11 29.74 -4.89 -6.65
C ILE B 11 31.11 -4.22 -6.73
N THR B 12 31.18 -2.94 -6.36
CA THR B 12 32.43 -2.17 -6.33
C THR B 12 32.94 -2.01 -4.89
N GLY B 13 32.25 -2.62 -3.93
CA GLY B 13 32.73 -2.70 -2.55
C GLY B 13 31.59 -2.69 -1.54
N PHE B 14 31.88 -2.22 -0.33
CA PHE B 14 30.90 -2.11 0.73
C PHE B 14 30.96 -0.71 1.37
N SER B 15 29.85 -0.32 1.99
CA SER B 15 29.72 0.95 2.69
C SER B 15 30.73 0.99 3.84
N ARG B 16 31.03 2.21 4.31
CA ARG B 16 32.04 2.42 5.32
C ARG B 16 31.55 1.89 6.68
N ASP B 17 30.24 1.98 6.93
CA ASP B 17 29.67 1.69 8.25
C ASP B 17 29.25 0.21 8.36
N ILE B 18 29.49 -0.61 7.34
CA ILE B 18 29.03 -2.02 7.38
C ILE B 18 29.68 -2.73 8.58
N SER B 19 28.89 -3.56 9.27
CA SER B 19 29.42 -4.37 10.36
C SER B 19 30.38 -5.41 9.79
N PRO B 20 31.62 -5.54 10.31
CA PRO B 20 32.54 -6.58 9.88
C PRO B 20 31.87 -7.95 9.73
N ALA B 21 31.09 -8.37 10.73
CA ALA B 21 30.43 -9.70 10.73
C ALA B 21 29.49 -9.85 9.52
N TYR B 22 28.69 -8.80 9.24
CA TYR B 22 27.75 -8.84 8.10
C TYR B 22 28.54 -8.87 6.78
N ARG B 23 29.58 -8.04 6.68
CA ARG B 23 30.41 -7.99 5.50
C ARG B 23 31.02 -9.37 5.21
N GLN B 24 31.39 -10.13 6.24
CA GLN B 24 31.94 -11.47 6.05
C GLN B 24 30.85 -12.38 5.48
N LYS B 25 29.66 -12.33 6.09
CA LYS B 25 28.50 -13.11 5.69
C LYS B 25 28.23 -12.89 4.20
N LEU B 26 28.15 -11.62 3.77
CA LEU B 26 27.84 -11.29 2.38
C LEU B 26 28.90 -11.91 1.47
N LEU B 27 30.17 -11.79 1.85
CA LEU B 27 31.25 -12.32 1.04
C LEU B 27 31.07 -13.84 0.88
N SER B 28 30.68 -14.50 1.97
CA SER B 28 30.50 -15.97 2.00
C SER B 28 29.38 -16.41 1.05
N LEU B 29 28.42 -15.52 0.77
CA LEU B 29 27.32 -15.80 -0.16
C LEU B 29 27.67 -15.38 -1.60
N GLY B 30 28.89 -14.91 -1.85
CA GLY B 30 29.37 -14.69 -3.23
C GLY B 30 29.25 -13.25 -3.69
N MET B 31 28.90 -12.35 -2.76
CA MET B 31 28.80 -10.95 -3.03
C MET B 31 30.20 -10.34 -2.97
N LEU B 32 31.04 -10.73 -3.94
CA LEU B 32 32.43 -10.31 -4.01
C LEU B 32 32.56 -9.01 -4.79
N PRO B 33 33.30 -8.02 -4.24
CA PRO B 33 33.71 -6.88 -5.07
C PRO B 33 34.32 -7.42 -6.38
N GLY B 34 33.78 -6.94 -7.52
CA GLY B 34 34.28 -7.28 -8.87
C GLY B 34 33.36 -8.27 -9.57
N SER B 35 32.40 -8.82 -8.81
CA SER B 35 31.42 -9.75 -9.35
C SER B 35 30.08 -9.01 -9.52
N SER B 36 29.19 -9.59 -10.34
CA SER B 36 27.85 -9.08 -10.61
C SER B 36 26.80 -10.00 -9.95
N PHE B 37 25.60 -9.46 -9.74
CA PHE B 37 24.43 -10.30 -9.53
C PHE B 37 23.29 -9.75 -10.38
N HIS B 38 22.25 -10.57 -10.55
CA HIS B 38 21.01 -10.21 -11.23
C HIS B 38 19.87 -10.20 -10.23
N VAL B 39 19.01 -9.18 -10.30
CA VAL B 39 17.76 -9.12 -9.55
C VAL B 39 16.78 -10.11 -10.19
N VAL B 40 16.28 -11.07 -9.40
CA VAL B 40 15.30 -12.03 -9.90
C VAL B 40 13.90 -11.41 -9.81
N ARG B 41 13.53 -10.96 -8.60
CA ARG B 41 12.27 -10.25 -8.38
C ARG B 41 12.32 -9.48 -7.06
N VAL B 42 11.51 -8.41 -7.00
CA VAL B 42 11.22 -7.65 -5.80
C VAL B 42 9.85 -8.11 -5.30
N ALA B 43 9.74 -8.39 -4.00
CA ALA B 43 8.50 -8.91 -3.40
C ALA B 43 7.33 -7.96 -3.66
N PRO B 44 6.09 -8.48 -3.67
CA PRO B 44 4.88 -7.64 -3.72
C PRO B 44 5.02 -6.55 -2.65
N LEU B 45 4.93 -5.32 -3.11
CA LEU B 45 5.10 -4.14 -2.24
C LEU B 45 6.51 -3.94 -1.72
N GLY B 46 7.45 -4.11 -2.63
CA GLY B 46 8.79 -3.53 -2.57
C GLY B 46 9.83 -4.00 -1.59
N ASP B 47 9.57 -5.08 -0.90
CA ASP B 47 10.60 -5.65 -0.02
C ASP B 47 10.13 -7.04 0.43
N PRO B 48 11.04 -8.02 0.49
CA PRO B 48 12.46 -7.86 0.20
C PRO B 48 12.81 -8.16 -1.28
N VAL B 49 14.12 -8.14 -1.59
CA VAL B 49 14.63 -8.28 -2.95
C VAL B 49 15.33 -9.65 -3.07
N HIS B 50 14.91 -10.42 -4.06
CA HIS B 50 15.46 -11.73 -4.37
C HIS B 50 16.49 -11.58 -5.48
N ILE B 51 17.74 -11.91 -5.17
CA ILE B 51 18.84 -11.75 -6.09
C ILE B 51 19.54 -13.11 -6.26
N GLU B 52 20.44 -13.16 -7.26
CA GLU B 52 21.13 -14.38 -7.64
C GLU B 52 22.60 -14.04 -7.90
N THR B 53 23.48 -14.78 -7.22
CA THR B 53 24.94 -14.66 -7.26
C THR B 53 25.46 -15.95 -7.90
N ARG B 54 26.72 -15.96 -8.36
CA ARG B 54 27.30 -17.18 -8.97
C ARG B 54 27.18 -18.37 -8.00
N ARG B 55 27.26 -18.09 -6.69
CA ARG B 55 27.26 -19.13 -5.65
C ARG B 55 25.83 -19.59 -5.33
N VAL B 56 24.94 -18.64 -5.01
CA VAL B 56 23.61 -18.96 -4.45
C VAL B 56 22.59 -17.86 -4.80
N SER B 57 21.31 -18.22 -4.70
CA SER B 57 20.23 -17.26 -4.61
C SER B 57 20.14 -16.75 -3.17
N LEU B 58 19.95 -15.44 -2.99
CA LEU B 58 19.76 -14.92 -1.65
C LEU B 58 18.67 -13.85 -1.67
N VAL B 59 18.09 -13.63 -0.49
CA VAL B 59 17.07 -12.65 -0.30
C VAL B 59 17.64 -11.66 0.71
N LEU B 60 17.56 -10.37 0.38
CA LEU B 60 17.89 -9.31 1.32
C LEU B 60 16.98 -8.10 1.04
N ARG B 61 16.94 -7.20 2.03
CA ARG B 61 16.07 -6.04 2.00
C ARG B 61 16.80 -4.90 1.29
N LYS B 62 16.02 -3.97 0.72
CA LYS B 62 16.55 -2.78 0.09
C LYS B 62 17.57 -2.10 1.02
N LYS B 63 17.30 -2.09 2.33
CA LYS B 63 18.22 -1.43 3.28
C LYS B 63 19.55 -2.19 3.40
N ASP B 64 19.53 -3.51 3.24
CA ASP B 64 20.73 -4.35 3.27
C ASP B 64 21.61 -4.04 2.05
N LEU B 65 20.97 -3.87 0.88
CA LEU B 65 21.66 -3.56 -0.37
C LEU B 65 22.28 -2.16 -0.31
N ALA B 66 21.70 -1.27 0.50
CA ALA B 66 22.23 0.09 0.68
C ALA B 66 23.58 0.05 1.42
N LEU B 67 23.90 -1.07 2.06
CA LEU B 67 25.19 -1.30 2.73
C LEU B 67 26.24 -1.82 1.75
N ILE B 68 25.89 -2.02 0.47
CA ILE B 68 26.80 -2.49 -0.57
C ILE B 68 26.93 -1.42 -1.64
N GLU B 69 28.16 -1.16 -2.09
CA GLU B 69 28.44 -0.23 -3.17
C GLU B 69 28.23 -0.97 -4.50
N LEU B 70 27.33 -0.46 -5.34
CA LEU B 70 26.88 -1.09 -6.56
C LEU B 70 27.04 -0.12 -7.73
N GLU B 71 27.18 -0.67 -8.94
CA GLU B 71 27.11 0.13 -10.13
C GLU B 71 26.40 -0.68 -11.22
N ALA B 72 25.49 -0.01 -11.93
CA ALA B 72 24.70 -0.63 -12.97
C ALA B 72 25.65 -1.08 -14.09
N VAL B 73 25.57 -2.37 -14.42
CA VAL B 73 26.22 -2.91 -15.59
C VAL B 73 25.52 -2.30 -16.81
N ALA B 74 26.12 -1.22 -17.34
CA ALA B 74 25.50 -0.43 -18.40
C ALA B 74 26.22 -0.64 -19.74
N GLN B 75 27.30 -1.44 -19.76
CA GLN B 75 28.04 -1.75 -20.99
C GLN B 75 27.11 -2.43 -22.00
N GLU B 76 27.10 -1.94 -23.24
CA GLU B 76 26.10 -2.30 -24.27
C GLU B 76 26.13 -3.80 -24.54
N ASN B 77 27.34 -4.35 -24.70
CA ASN B 77 27.54 -5.74 -25.14
C ASN B 77 27.47 -6.70 -23.94
N LEU B 78 27.29 -6.18 -22.72
CA LEU B 78 26.90 -7.00 -21.56
C LEU B 78 25.39 -6.88 -21.30
N TYR B 79 24.80 -5.75 -21.72
CA TYR B 79 23.36 -5.55 -21.59
C TYR B 79 22.59 -6.52 -22.50
N PHE B 80 23.21 -6.93 -23.62
CA PHE B 80 22.60 -7.88 -24.57
C PHE B 80 21.96 -9.06 -23.82
N MET C 1 -16.87 -21.00 7.32
CA MET C 1 -17.51 -19.71 7.76
C MET C 1 -17.57 -19.63 9.29
N GLN C 2 -17.84 -20.76 9.95
CA GLN C 2 -18.01 -20.81 11.42
C GLN C 2 -16.67 -21.18 12.07
N PHE C 3 -16.09 -20.22 12.81
CA PHE C 3 -14.80 -20.39 13.49
C PHE C 3 -15.05 -20.52 14.99
N THR C 4 -14.57 -21.63 15.57
CA THR C 4 -14.86 -22.04 16.94
C THR C 4 -13.59 -21.99 17.76
N PRO C 5 -13.65 -21.58 19.05
CA PRO C 5 -12.49 -21.67 19.95
C PRO C 5 -11.80 -23.05 19.93
N ASP C 6 -10.46 -23.02 19.91
CA ASP C 6 -9.57 -24.19 20.02
C ASP C 6 -9.61 -25.08 18.76
N SER C 7 -10.43 -24.73 17.76
CA SER C 7 -10.50 -25.51 16.52
C SER C 7 -9.32 -25.14 15.62
N ALA C 8 -8.93 -26.06 14.71
CA ALA C 8 -7.74 -25.87 13.90
C ALA C 8 -8.06 -26.06 12.40
N TRP C 9 -7.41 -25.24 11.57
CA TRP C 9 -7.59 -25.26 10.12
C TRP C 9 -6.21 -25.39 9.45
N LYS C 10 -6.08 -26.35 8.53
CA LYS C 10 -4.92 -26.39 7.63
C LYS C 10 -5.16 -25.40 6.50
N ILE C 11 -4.13 -24.63 6.17
CA ILE C 11 -4.10 -23.73 5.01
C ILE C 11 -3.60 -24.54 3.81
N THR C 12 -4.46 -24.74 2.79
CA THR C 12 -4.11 -25.51 1.59
C THR C 12 -3.54 -24.58 0.50
N GLY C 13 -4.06 -23.35 0.47
CA GLY C 13 -3.71 -22.37 -0.55
C GLY C 13 -4.37 -21.03 -0.27
N PHE C 14 -4.32 -20.14 -1.28
CA PHE C 14 -4.99 -18.85 -1.24
C PHE C 14 -5.98 -18.77 -2.41
N SER C 15 -7.08 -18.03 -2.20
CA SER C 15 -8.10 -17.87 -3.22
C SER C 15 -7.52 -17.05 -4.38
N ARG C 16 -8.10 -17.25 -5.58
CA ARG C 16 -7.72 -16.53 -6.79
C ARG C 16 -7.96 -15.02 -6.62
N ASP C 17 -8.60 -14.63 -5.51
CA ASP C 17 -9.10 -13.28 -5.30
C ASP C 17 -8.20 -12.47 -4.36
N ILE C 18 -7.28 -13.13 -3.65
CA ILE C 18 -6.27 -12.39 -2.87
C ILE C 18 -5.27 -11.76 -3.86
N SER C 19 -4.79 -10.57 -3.54
CA SER C 19 -3.69 -9.99 -4.30
C SER C 19 -2.36 -10.53 -3.78
N PRO C 20 -1.31 -10.60 -4.63
CA PRO C 20 0.02 -10.99 -4.18
C PRO C 20 0.52 -10.15 -2.97
N ALA C 21 0.17 -8.86 -2.92
CA ALA C 21 0.58 -7.98 -1.80
C ALA C 21 0.01 -8.48 -0.46
N TYR C 22 -1.28 -8.82 -0.42
CA TYR C 22 -1.91 -9.25 0.85
C TYR C 22 -1.46 -10.68 1.18
N ARG C 23 -1.30 -11.51 0.14
CA ARG C 23 -0.75 -12.86 0.26
C ARG C 23 0.62 -12.78 0.92
N GLN C 24 1.50 -11.84 0.50
CA GLN C 24 2.81 -11.74 1.15
C GLN C 24 2.64 -11.37 2.63
N LYS C 25 1.69 -10.49 2.94
CA LYS C 25 1.57 -10.01 4.32
C LYS C 25 1.20 -11.17 5.23
N LEU C 26 0.25 -12.00 4.79
CA LEU C 26 -0.25 -13.11 5.59
C LEU C 26 0.84 -14.16 5.76
N LEU C 27 1.54 -14.46 4.66
CA LEU C 27 2.66 -15.40 4.66
C LEU C 27 3.67 -15.01 5.75
N SER C 28 4.01 -13.72 5.78
CA SER C 28 5.01 -13.16 6.71
C SER C 28 4.58 -13.38 8.16
N LEU C 29 3.29 -13.61 8.38
CA LEU C 29 2.71 -13.79 9.72
C LEU C 29 2.54 -15.28 10.02
N GLY C 30 3.15 -16.16 9.22
CA GLY C 30 3.12 -17.60 9.48
C GLY C 30 1.97 -18.36 8.82
N MET C 31 1.14 -17.67 8.02
CA MET C 31 -0.04 -18.28 7.40
C MET C 31 0.36 -19.00 6.11
N LEU C 32 1.14 -20.08 6.29
CA LEU C 32 1.82 -20.77 5.19
C LEU C 32 0.96 -21.93 4.71
N PRO C 33 0.75 -22.12 3.38
CA PRO C 33 0.05 -23.31 2.91
C PRO C 33 0.84 -24.55 3.36
N GLY C 34 0.14 -25.55 3.86
CA GLY C 34 0.75 -26.73 4.44
C GLY C 34 0.86 -26.66 5.95
N SER C 35 0.64 -25.47 6.53
CA SER C 35 0.62 -25.27 7.99
C SER C 35 -0.81 -25.03 8.48
N SER C 36 -1.00 -25.22 9.79
CA SER C 36 -2.28 -25.04 10.51
C SER C 36 -2.23 -23.83 11.46
N PHE C 37 -3.39 -23.21 11.71
CA PHE C 37 -3.53 -22.29 12.82
C PHE C 37 -4.67 -22.78 13.71
N HIS C 38 -4.66 -22.38 14.98
CA HIS C 38 -5.74 -22.64 15.93
C HIS C 38 -6.53 -21.36 16.19
N VAL C 39 -7.86 -21.47 16.26
CA VAL C 39 -8.72 -20.35 16.66
C VAL C 39 -8.64 -20.23 18.19
N VAL C 40 -8.29 -19.03 18.67
CA VAL C 40 -8.18 -18.77 20.11
C VAL C 40 -9.55 -18.30 20.62
N ARG C 41 -10.07 -17.22 20.03
CA ARG C 41 -11.42 -16.74 20.35
C ARG C 41 -12.02 -15.99 19.14
N VAL C 42 -13.35 -16.08 19.04
CA VAL C 42 -14.16 -15.30 18.14
C VAL C 42 -14.85 -14.21 18.98
N ALA C 43 -14.53 -12.95 18.72
CA ALA C 43 -15.05 -11.84 19.50
C ALA C 43 -16.57 -11.93 19.63
N PRO C 44 -17.15 -11.42 20.74
CA PRO C 44 -18.60 -11.27 20.84
C PRO C 44 -19.12 -10.74 19.50
N LEU C 45 -20.17 -11.39 18.97
CA LEU C 45 -20.88 -11.00 17.72
C LEU C 45 -20.06 -11.33 16.47
N GLY C 46 -19.19 -12.34 16.56
CA GLY C 46 -18.67 -13.03 15.38
C GLY C 46 -17.47 -12.38 14.70
N ASP C 47 -17.08 -11.17 15.12
CA ASP C 47 -15.91 -10.49 14.51
C ASP C 47 -15.26 -9.55 15.52
N PRO C 48 -13.92 -9.52 15.56
CA PRO C 48 -13.02 -10.29 14.71
C PRO C 48 -12.67 -11.67 15.28
N VAL C 49 -11.84 -12.41 14.53
CA VAL C 49 -11.36 -13.75 14.90
C VAL C 49 -9.90 -13.63 15.35
N HIS C 50 -9.62 -14.12 16.56
CA HIS C 50 -8.27 -14.14 17.15
C HIS C 50 -7.67 -15.54 16.98
N ILE C 51 -6.55 -15.63 16.26
CA ILE C 51 -5.95 -16.91 15.91
C ILE C 51 -4.46 -16.89 16.29
N GLU C 52 -3.82 -18.04 16.10
CA GLU C 52 -2.45 -18.24 16.47
C GLU C 52 -1.78 -19.12 15.42
N THR C 53 -0.65 -18.66 14.88
CA THR C 53 0.24 -19.51 14.09
C THR C 53 1.48 -19.84 14.94
N ARG C 54 2.35 -20.73 14.44
CA ARG C 54 3.61 -21.07 15.11
C ARG C 54 4.44 -19.78 15.32
N ARG C 55 4.21 -18.75 14.51
CA ARG C 55 5.01 -17.50 14.56
C ARG C 55 4.43 -16.51 15.58
N VAL C 56 3.13 -16.21 15.43
CA VAL C 56 2.49 -15.09 16.15
C VAL C 56 1.00 -15.36 16.37
N SER C 57 0.46 -14.69 17.39
CA SER C 57 -0.96 -14.44 17.52
C SER C 57 -1.30 -13.24 16.63
N LEU C 58 -2.42 -13.35 15.91
CA LEU C 58 -2.90 -12.27 15.09
C LEU C 58 -4.44 -12.25 15.13
N VAL C 59 -4.97 -11.05 14.92
CA VAL C 59 -6.38 -10.84 14.76
C VAL C 59 -6.65 -10.53 13.29
N LEU C 60 -7.68 -11.15 12.72
CA LEU C 60 -8.27 -10.70 11.46
C LEU C 60 -9.78 -10.95 11.47
N ARG C 61 -10.45 -10.36 10.48
CA ARG C 61 -11.90 -10.41 10.32
C ARG C 61 -12.25 -11.63 9.47
N LYS C 62 -13.53 -12.03 9.53
CA LYS C 62 -14.07 -13.15 8.74
C LYS C 62 -13.89 -12.89 7.24
N LYS C 63 -13.91 -11.62 6.83
CA LYS C 63 -13.77 -11.26 5.42
C LYS C 63 -12.34 -11.54 4.94
N ASP C 64 -11.36 -11.37 5.83
CA ASP C 64 -9.95 -11.60 5.51
C ASP C 64 -9.71 -13.11 5.33
N LEU C 65 -10.27 -13.92 6.25
CA LEU C 65 -10.09 -15.38 6.27
C LEU C 65 -10.70 -16.02 5.03
N ALA C 66 -11.74 -15.39 4.46
CA ALA C 66 -12.43 -15.90 3.26
C ALA C 66 -11.52 -15.86 2.04
N LEU C 67 -10.39 -15.14 2.15
CA LEU C 67 -9.37 -15.02 1.09
C LEU C 67 -8.39 -16.21 1.11
N ILE C 68 -8.53 -17.12 2.09
CA ILE C 68 -7.61 -18.24 2.33
C ILE C 68 -8.35 -19.57 2.13
N GLU C 69 -7.76 -20.47 1.32
CA GLU C 69 -8.26 -21.84 1.15
C GLU C 69 -7.90 -22.67 2.39
N LEU C 70 -8.90 -23.02 3.20
CA LEU C 70 -8.73 -23.79 4.47
C LEU C 70 -9.37 -25.18 4.32
N GLU C 71 -8.93 -26.14 5.15
CA GLU C 71 -9.60 -27.45 5.27
C GLU C 71 -9.52 -27.97 6.71
N ALA C 72 -10.56 -28.72 7.12
CA ALA C 72 -10.59 -29.40 8.43
C ALA C 72 -9.79 -30.71 8.37
N VAL C 73 -8.93 -30.91 9.38
CA VAL C 73 -8.20 -32.17 9.59
C VAL C 73 -9.12 -33.12 10.35
N ALA C 74 -9.69 -34.11 9.64
CA ALA C 74 -10.83 -34.87 10.14
C ALA C 74 -10.54 -36.38 10.21
N GLN C 75 -9.26 -36.78 10.08
CA GLN C 75 -8.81 -38.17 10.31
C GLN C 75 -9.10 -38.57 11.76
N GLU C 76 -9.60 -39.80 11.97
CA GLU C 76 -10.09 -40.22 13.29
C GLU C 76 -8.95 -40.14 14.33
N ASN C 77 -7.73 -40.48 13.91
CA ASN C 77 -6.58 -40.57 14.80
C ASN C 77 -5.89 -39.21 14.97
N LEU C 78 -6.28 -38.20 14.19
CA LEU C 78 -5.61 -36.89 14.17
C LEU C 78 -6.50 -35.79 14.79
N TYR C 79 -7.80 -36.07 14.98
CA TYR C 79 -8.73 -35.07 15.54
C TYR C 79 -8.40 -34.79 17.02
N PHE C 80 -7.71 -35.72 17.68
CA PHE C 80 -7.35 -35.62 19.11
C PHE C 80 -6.92 -34.19 19.46
N MET D 1 -11.02 9.16 13.34
CA MET D 1 -9.92 8.42 12.62
C MET D 1 -10.50 7.19 11.90
N GLN D 2 -11.03 6.25 12.70
CA GLN D 2 -11.44 4.94 12.20
C GLN D 2 -12.93 4.97 11.83
N PHE D 3 -13.18 5.19 10.52
CA PHE D 3 -14.52 5.14 9.94
C PHE D 3 -14.77 3.72 9.44
N THR D 4 -15.35 2.89 10.32
CA THR D 4 -15.67 1.50 10.00
C THR D 4 -16.76 1.47 8.94
N PRO D 5 -16.72 0.52 7.98
CA PRO D 5 -17.90 0.18 7.18
C PRO D 5 -19.07 -0.16 8.12
N ASP D 6 -20.27 0.30 7.76
CA ASP D 6 -21.52 0.11 8.53
C ASP D 6 -21.58 1.02 9.78
N SER D 7 -20.48 1.73 10.10
CA SER D 7 -20.44 2.57 11.30
C SER D 7 -21.37 3.78 11.11
N ALA D 8 -22.14 4.10 12.15
CA ALA D 8 -23.08 5.21 12.13
C ALA D 8 -22.54 6.34 13.03
N TRP D 9 -22.72 7.60 12.60
CA TRP D 9 -22.16 8.74 13.33
C TRP D 9 -23.21 9.86 13.40
N LYS D 10 -23.45 10.37 14.62
CA LYS D 10 -24.30 11.55 14.77
C LYS D 10 -23.45 12.81 14.65
N ILE D 11 -23.96 13.76 13.85
CA ILE D 11 -23.38 15.09 13.71
C ILE D 11 -23.85 15.94 14.89
N THR D 12 -22.90 16.35 15.75
CA THR D 12 -23.18 17.19 16.91
C THR D 12 -23.04 18.67 16.54
N GLY D 13 -22.20 18.96 15.54
CA GLY D 13 -21.99 20.31 15.04
C GLY D 13 -20.86 20.38 14.02
N PHE D 14 -20.28 21.58 13.86
CA PHE D 14 -19.14 21.82 12.96
C PHE D 14 -17.98 22.48 13.71
N SER D 15 -16.75 22.22 13.23
CA SER D 15 -15.53 22.75 13.84
C SER D 15 -15.46 24.27 13.68
N ARG D 16 -14.60 24.90 14.49
CA ARG D 16 -14.23 26.31 14.40
C ARG D 16 -13.42 26.55 13.12
N ASP D 17 -13.04 25.47 12.42
CA ASP D 17 -12.08 25.49 11.32
C ASP D 17 -12.79 25.46 9.95
N ILE D 18 -14.14 25.37 9.95
CA ILE D 18 -14.90 25.27 8.69
C ILE D 18 -15.34 26.67 8.26
N SER D 19 -15.31 26.89 6.95
CA SER D 19 -15.84 28.09 6.35
C SER D 19 -17.35 27.97 6.18
N PRO D 20 -18.12 29.06 6.42
CA PRO D 20 -19.56 29.06 6.18
C PRO D 20 -19.99 28.52 4.80
N ALA D 21 -19.18 28.78 3.77
CA ALA D 21 -19.42 28.35 2.39
C ALA D 21 -19.35 26.82 2.29
N TYR D 22 -18.30 26.22 2.86
CA TYR D 22 -18.21 24.77 2.87
C TYR D 22 -19.27 24.19 3.81
N ARG D 23 -19.55 24.85 4.94
CA ARG D 23 -20.60 24.40 5.85
C ARG D 23 -21.92 24.29 5.08
N GLN D 24 -22.26 25.35 4.34
CA GLN D 24 -23.50 25.44 3.57
C GLN D 24 -23.62 24.25 2.61
N LYS D 25 -22.50 23.90 1.95
CA LYS D 25 -22.44 22.83 0.96
C LYS D 25 -22.82 21.48 1.59
N LEU D 26 -22.23 21.20 2.76
CA LEU D 26 -22.50 19.95 3.46
C LEU D 26 -23.94 19.95 3.99
N LEU D 27 -24.41 21.08 4.53
CA LEU D 27 -25.81 21.17 5.03
C LEU D 27 -26.79 20.80 3.90
N SER D 28 -26.53 21.28 2.68
CA SER D 28 -27.41 21.09 1.52
C SER D 28 -27.52 19.60 1.13
N LEU D 29 -26.47 18.81 1.41
CA LEU D 29 -26.48 17.37 1.10
C LEU D 29 -27.04 16.57 2.28
N GLY D 30 -27.53 17.27 3.31
CA GLY D 30 -28.26 16.69 4.42
C GLY D 30 -27.38 16.42 5.63
N MET D 31 -26.14 16.97 5.66
CA MET D 31 -25.25 16.73 6.80
C MET D 31 -25.64 17.70 7.93
N LEU D 32 -26.85 17.51 8.45
CA LEU D 32 -27.42 18.44 9.46
C LEU D 32 -26.97 18.01 10.86
N PRO D 33 -26.56 18.97 11.72
CA PRO D 33 -26.41 18.68 13.14
C PRO D 33 -27.73 18.19 13.74
N GLY D 34 -27.66 17.10 14.51
CA GLY D 34 -28.86 16.43 15.05
C GLY D 34 -29.24 15.20 14.24
N SER D 35 -28.74 15.12 12.99
CA SER D 35 -28.91 13.97 12.10
C SER D 35 -27.70 13.03 12.21
N SER D 36 -27.88 11.81 11.68
CA SER D 36 -26.86 10.76 11.66
C SER D 36 -26.63 10.30 10.21
N PHE D 37 -25.39 9.90 9.91
CA PHE D 37 -25.05 9.30 8.61
C PHE D 37 -24.45 7.91 8.82
N HIS D 38 -24.49 7.11 7.76
CA HIS D 38 -23.93 5.77 7.74
C HIS D 38 -22.70 5.76 6.82
N VAL D 39 -21.61 5.10 7.26
CA VAL D 39 -20.44 4.85 6.40
C VAL D 39 -20.73 3.60 5.57
N VAL D 40 -20.74 3.74 4.24
CA VAL D 40 -21.08 2.62 3.35
C VAL D 40 -19.80 1.82 3.07
N ARG D 41 -18.88 2.40 2.30
CA ARG D 41 -17.57 1.82 2.04
C ARG D 41 -16.48 2.87 2.25
N VAL D 42 -15.29 2.39 2.65
CA VAL D 42 -14.07 3.17 2.65
C VAL D 42 -13.16 2.63 1.55
N ALA D 43 -12.49 3.55 0.86
CA ALA D 43 -11.60 3.19 -0.22
C ALA D 43 -10.37 2.50 0.35
N PRO D 44 -9.71 1.62 -0.44
CA PRO D 44 -8.34 1.20 -0.12
C PRO D 44 -7.49 2.41 0.27
N LEU D 45 -6.56 2.18 1.20
CA LEU D 45 -5.66 3.20 1.79
C LEU D 45 -6.41 4.07 2.81
N GLY D 46 -7.73 3.88 2.96
CA GLY D 46 -8.51 4.43 4.08
C GLY D 46 -9.04 5.83 3.81
N ASP D 47 -8.95 6.28 2.56
CA ASP D 47 -9.35 7.63 2.14
C ASP D 47 -9.59 7.59 0.63
N PRO D 48 -10.74 8.09 0.15
CA PRO D 48 -11.76 8.80 0.91
C PRO D 48 -12.84 7.86 1.49
N VAL D 49 -13.83 8.48 2.14
CA VAL D 49 -14.91 7.80 2.87
C VAL D 49 -16.24 8.09 2.16
N HIS D 50 -16.99 7.01 1.87
CA HIS D 50 -18.29 7.08 1.20
C HIS D 50 -19.41 6.87 2.22
N ILE D 51 -20.27 7.89 2.36
CA ILE D 51 -21.25 7.95 3.44
C ILE D 51 -22.66 8.11 2.85
N GLU D 52 -23.67 7.98 3.72
CA GLU D 52 -25.07 8.04 3.33
C GLU D 52 -25.87 8.87 4.35
N THR D 53 -26.63 9.85 3.82
CA THR D 53 -27.60 10.65 4.58
C THR D 53 -29.03 10.24 4.18
N ARG D 54 -30.04 10.74 4.93
CA ARG D 54 -31.47 10.59 4.58
C ARG D 54 -31.72 11.13 3.15
N ARG D 55 -31.08 12.24 2.80
CA ARG D 55 -31.23 12.88 1.48
C ARG D 55 -30.45 12.11 0.41
N VAL D 56 -29.12 12.02 0.54
CA VAL D 56 -28.24 11.55 -0.56
C VAL D 56 -27.05 10.73 -0.05
N SER D 57 -26.44 10.01 -1.02
CA SER D 57 -25.11 9.42 -0.92
C SER D 57 -24.07 10.45 -1.35
N LEU D 58 -22.88 10.40 -0.74
CA LEU D 58 -21.84 11.39 -1.00
C LEU D 58 -20.48 10.88 -0.50
N VAL D 59 -19.40 11.49 -1.02
CA VAL D 59 -18.03 11.07 -0.72
C VAL D 59 -17.21 12.31 -0.34
N LEU D 60 -16.37 12.16 0.69
CA LEU D 60 -15.42 13.18 1.09
C LEU D 60 -14.26 12.50 1.83
N ARG D 61 -13.22 13.27 2.14
CA ARG D 61 -11.97 12.75 2.73
C ARG D 61 -12.05 12.85 4.26
N LYS D 62 -11.03 12.28 4.92
CA LYS D 62 -10.95 12.30 6.38
C LYS D 62 -10.66 13.73 6.87
N LYS D 63 -9.84 14.45 6.09
CA LYS D 63 -9.55 15.87 6.26
C LYS D 63 -10.86 16.68 6.31
N ASP D 64 -11.81 16.31 5.44
CA ASP D 64 -13.12 16.97 5.29
C ASP D 64 -14.03 16.65 6.49
N LEU D 65 -13.99 15.39 6.95
CA LEU D 65 -14.81 14.94 8.07
C LEU D 65 -14.26 15.53 9.38
N ALA D 66 -12.98 15.92 9.38
CA ALA D 66 -12.35 16.54 10.56
C ALA D 66 -12.93 17.94 10.81
N LEU D 67 -13.59 18.51 9.80
CA LEU D 67 -14.27 19.83 9.91
C LEU D 67 -15.68 19.69 10.51
N ILE D 68 -16.09 18.45 10.79
CA ILE D 68 -17.37 18.10 11.35
C ILE D 68 -17.13 17.56 12.77
N GLU D 69 -17.97 17.97 13.73
CA GLU D 69 -17.95 17.39 15.06
C GLU D 69 -18.93 16.21 15.06
N LEU D 70 -18.41 15.02 15.37
CA LEU D 70 -19.17 13.77 15.33
C LEU D 70 -19.14 13.11 16.71
N GLU D 71 -20.10 12.21 16.94
CA GLU D 71 -20.08 11.30 18.07
C GLU D 71 -20.65 9.94 17.64
N ALA D 72 -20.04 8.87 18.13
CA ALA D 72 -20.61 7.54 18.00
C ALA D 72 -21.81 7.42 18.95
N VAL D 73 -22.97 7.03 18.40
CA VAL D 73 -24.07 6.61 19.24
C VAL D 73 -23.66 5.26 19.86
N ALA D 74 -23.70 5.20 21.20
CA ALA D 74 -23.19 4.08 21.96
C ALA D 74 -24.12 3.70 23.11
N GLN D 75 -25.39 4.15 23.08
CA GLN D 75 -26.43 3.61 23.93
C GLN D 75 -26.78 2.21 23.40
N GLU D 76 -26.75 1.23 24.30
CA GLU D 76 -26.99 -0.17 23.97
C GLU D 76 -28.22 -0.27 23.06
N ASN D 77 -29.30 0.44 23.43
CA ASN D 77 -30.62 0.33 22.79
C ASN D 77 -30.74 1.26 21.58
N LEU D 78 -29.60 1.54 20.93
CA LEU D 78 -29.56 2.31 19.68
C LEU D 78 -28.60 1.63 18.68
N TYR D 79 -27.45 1.15 19.17
CA TYR D 79 -26.48 0.38 18.37
C TYR D 79 -27.10 -0.95 17.88
N PHE D 80 -28.10 -1.46 18.61
CA PHE D 80 -28.80 -2.71 18.26
C PHE D 80 -29.04 -2.78 16.74
N MET E 1 -1.09 -10.39 -25.68
CA MET E 1 -0.08 -9.44 -25.09
C MET E 1 0.62 -8.65 -26.20
N GLN E 2 0.02 -8.62 -27.40
CA GLN E 2 0.56 -7.95 -28.57
C GLN E 2 -0.28 -6.70 -28.83
N PHE E 3 0.00 -5.68 -28.02
CA PHE E 3 -0.60 -4.36 -28.08
C PHE E 3 0.04 -3.59 -29.25
N THR E 4 -0.64 -3.59 -30.39
CA THR E 4 -0.19 -2.89 -31.59
C THR E 4 -0.31 -1.39 -31.40
N PRO E 5 0.70 -0.58 -31.80
CA PRO E 5 0.47 0.84 -32.01
C PRO E 5 -0.86 1.08 -32.74
N ASP E 6 -1.70 1.96 -32.17
CA ASP E 6 -3.01 2.41 -32.70
C ASP E 6 -4.14 1.44 -32.30
N SER E 7 -3.83 0.29 -31.70
CA SER E 7 -4.87 -0.71 -31.38
C SER E 7 -5.76 -0.20 -30.23
N ALA E 8 -7.07 -0.38 -30.38
CA ALA E 8 -8.06 0.06 -29.40
C ALA E 8 -8.60 -1.14 -28.61
N TRP E 9 -8.91 -0.90 -27.33
CA TRP E 9 -9.24 -1.95 -26.37
C TRP E 9 -10.31 -1.45 -25.40
N LYS E 10 -11.36 -2.27 -25.21
CA LYS E 10 -12.40 -1.98 -24.23
C LYS E 10 -12.13 -2.69 -22.90
N ILE E 11 -12.37 -1.97 -21.79
CA ILE E 11 -12.20 -2.50 -20.46
C ILE E 11 -13.51 -3.16 -20.03
N THR E 12 -13.42 -4.42 -19.58
CA THR E 12 -14.57 -5.21 -19.12
C THR E 12 -14.48 -5.51 -17.61
N GLY E 13 -13.27 -5.43 -17.03
CA GLY E 13 -13.09 -5.68 -15.59
C GLY E 13 -11.62 -5.70 -15.18
N PHE E 14 -11.35 -6.09 -13.93
CA PHE E 14 -9.99 -6.24 -13.43
C PHE E 14 -9.76 -7.71 -13.05
N SER E 15 -8.49 -8.12 -13.05
CA SER E 15 -8.12 -9.48 -12.71
C SER E 15 -8.68 -9.80 -11.32
N ARG E 16 -8.91 -11.08 -11.06
CA ARG E 16 -9.32 -11.49 -9.73
C ARG E 16 -8.28 -11.04 -8.71
N ASP E 17 -6.99 -11.13 -9.08
CA ASP E 17 -5.83 -10.97 -8.19
C ASP E 17 -5.33 -9.52 -8.13
N ILE E 18 -6.06 -8.55 -8.70
CA ILE E 18 -5.64 -7.13 -8.56
C ILE E 18 -5.77 -6.73 -7.08
N SER E 19 -4.76 -6.03 -6.58
CA SER E 19 -4.84 -5.42 -5.26
C SER E 19 -5.82 -4.24 -5.37
N PRO E 20 -6.87 -4.18 -4.52
CA PRO E 20 -7.85 -3.10 -4.57
C PRO E 20 -7.25 -1.70 -4.56
N ALA E 21 -6.06 -1.56 -3.95
CA ALA E 21 -5.33 -0.29 -3.94
C ALA E 21 -4.92 0.13 -5.37
N TYR E 22 -4.32 -0.79 -6.13
CA TYR E 22 -3.86 -0.49 -7.51
C TYR E 22 -5.06 -0.26 -8.43
N ARG E 23 -6.11 -1.07 -8.24
CA ARG E 23 -7.34 -0.93 -9.00
C ARG E 23 -7.90 0.49 -8.85
N GLN E 24 -7.93 0.99 -7.60
CA GLN E 24 -8.44 2.35 -7.31
C GLN E 24 -7.59 3.41 -8.03
N LYS E 25 -6.27 3.19 -8.17
CA LYS E 25 -5.40 4.11 -8.91
C LYS E 25 -5.81 4.12 -10.39
N LEU E 26 -6.02 2.91 -10.94
CA LEU E 26 -6.38 2.76 -12.35
C LEU E 26 -7.76 3.39 -12.63
N LEU E 27 -8.76 3.12 -11.78
CA LEU E 27 -10.05 3.79 -11.99
C LEU E 27 -9.84 5.31 -12.04
N SER E 28 -8.98 5.82 -11.16
CA SER E 28 -8.75 7.25 -10.95
C SER E 28 -8.15 7.92 -12.20
N LEU E 29 -7.45 7.15 -13.03
CA LEU E 29 -6.85 7.61 -14.30
C LEU E 29 -7.80 7.31 -15.47
N GLY E 30 -8.99 6.78 -15.18
CA GLY E 30 -10.10 6.65 -16.15
C GLY E 30 -10.11 5.31 -16.86
N MET E 31 -9.48 4.29 -16.26
CA MET E 31 -9.50 2.95 -16.78
C MET E 31 -10.80 2.28 -16.32
N LEU E 32 -11.93 2.87 -16.73
CA LEU E 32 -13.26 2.44 -16.30
C LEU E 32 -13.73 1.27 -17.16
N PRO E 33 -14.26 0.20 -16.53
CA PRO E 33 -14.98 -0.83 -17.29
C PRO E 33 -16.10 -0.15 -18.09
N GLY E 34 -16.16 -0.39 -19.40
CA GLY E 34 -17.13 0.22 -20.33
C GLY E 34 -16.48 1.26 -21.24
N SER E 35 -15.33 1.79 -20.80
CA SER E 35 -14.52 2.77 -21.56
C SER E 35 -13.50 2.04 -22.44
N SER E 36 -12.91 2.78 -23.39
CA SER E 36 -11.91 2.24 -24.30
C SER E 36 -10.64 3.11 -24.28
N PHE E 37 -9.50 2.48 -24.48
CA PHE E 37 -8.22 3.17 -24.61
C PHE E 37 -7.54 2.78 -25.92
N HIS E 38 -6.59 3.63 -26.32
CA HIS E 38 -5.74 3.44 -27.50
C HIS E 38 -4.30 3.17 -27.05
N VAL E 39 -3.62 2.21 -27.70
CA VAL E 39 -2.16 2.03 -27.52
C VAL E 39 -1.44 3.11 -28.33
N VAL E 40 -0.61 3.92 -27.66
CA VAL E 40 0.12 5.01 -28.31
C VAL E 40 1.41 4.41 -28.89
N ARG E 41 2.33 4.04 -28.02
CA ARG E 41 3.60 3.45 -28.40
C ARG E 41 3.93 2.32 -27.43
N VAL E 42 4.71 1.36 -27.92
CA VAL E 42 5.34 0.36 -27.08
C VAL E 42 6.84 0.62 -27.12
N ALA E 43 7.47 0.50 -25.95
CA ALA E 43 8.87 0.77 -25.78
C ALA E 43 9.69 -0.32 -26.46
N PRO E 44 10.93 -0.02 -26.89
CA PRO E 44 11.86 -1.05 -27.36
C PRO E 44 11.87 -2.22 -26.37
N LEU E 45 11.78 -3.45 -26.89
CA LEU E 45 11.71 -4.72 -26.14
C LEU E 45 10.27 -5.06 -25.66
N GLY E 46 9.32 -4.15 -25.89
CA GLY E 46 7.90 -4.42 -25.66
C GLY E 46 7.41 -4.01 -24.28
N ASP E 47 8.23 -3.27 -23.52
CA ASP E 47 7.89 -2.81 -22.15
C ASP E 47 8.56 -1.48 -21.85
N PRO E 48 7.81 -0.50 -21.31
CA PRO E 48 6.39 -0.60 -21.01
C PRO E 48 5.49 -0.32 -22.23
N VAL E 49 4.20 -0.11 -21.98
CA VAL E 49 3.21 0.26 -22.99
C VAL E 49 2.63 1.63 -22.61
N HIS E 50 2.64 2.55 -23.57
CA HIS E 50 2.08 3.89 -23.44
C HIS E 50 0.65 3.85 -24.01
N ILE E 51 -0.35 4.05 -23.15
CA ILE E 51 -1.75 4.05 -23.58
C ILE E 51 -2.36 5.43 -23.35
N GLU E 52 -3.57 5.62 -23.90
CA GLU E 52 -4.27 6.88 -23.89
C GLU E 52 -5.75 6.61 -23.64
N THR E 53 -6.28 7.18 -22.56
CA THR E 53 -7.73 7.18 -22.25
C THR E 53 -8.34 8.54 -22.65
N ARG E 54 -9.59 8.77 -22.22
CA ARG E 54 -10.28 10.05 -22.31
C ARG E 54 -9.60 11.11 -21.44
N ARG E 55 -9.31 10.73 -20.19
CA ARG E 55 -8.83 11.65 -19.17
C ARG E 55 -7.34 11.96 -19.38
N VAL E 56 -6.52 10.92 -19.58
CA VAL E 56 -5.05 11.07 -19.55
C VAL E 56 -4.37 10.02 -20.44
N SER E 57 -3.15 10.36 -20.85
CA SER E 57 -2.14 9.41 -21.24
C SER E 57 -1.50 8.82 -19.96
N LEU E 58 -1.19 7.52 -19.98
CA LEU E 58 -0.49 6.87 -18.88
C LEU E 58 0.48 5.83 -19.44
N VAL E 59 1.50 5.51 -18.63
CA VAL E 59 2.44 4.43 -18.93
C VAL E 59 2.21 3.32 -17.91
N LEU E 60 2.19 2.09 -18.40
CA LEU E 60 2.18 0.91 -17.55
C LEU E 60 2.79 -0.26 -18.33
N ARG E 61 3.23 -1.26 -17.56
CA ARG E 61 3.92 -2.44 -18.07
C ARG E 61 2.87 -3.46 -18.53
N LYS E 62 3.31 -4.38 -19.38
CA LYS E 62 2.46 -5.44 -19.93
C LYS E 62 1.90 -6.33 -18.80
N LYS E 63 2.66 -6.48 -17.70
CA LYS E 63 2.23 -7.23 -16.50
C LYS E 63 1.15 -6.43 -15.75
N ASP E 64 1.25 -5.10 -15.81
CA ASP E 64 0.23 -4.19 -15.26
C ASP E 64 -1.06 -4.33 -16.07
N LEU E 65 -0.94 -4.30 -17.40
CA LEU E 65 -2.09 -4.48 -18.31
C LEU E 65 -2.72 -5.86 -18.12
N ALA E 66 -1.91 -6.86 -17.73
CA ALA E 66 -2.45 -8.22 -17.49
C ALA E 66 -3.50 -8.23 -16.36
N LEU E 67 -3.47 -7.24 -15.46
CA LEU E 67 -4.42 -7.18 -14.33
C LEU E 67 -5.78 -6.61 -14.76
N ILE E 68 -5.87 -6.18 -16.03
CA ILE E 68 -7.06 -5.56 -16.59
C ILE E 68 -7.68 -6.59 -17.54
N GLU E 69 -9.01 -6.72 -17.48
CA GLU E 69 -9.75 -7.59 -18.37
C GLU E 69 -10.11 -6.76 -19.61
N LEU E 70 -9.55 -7.13 -20.77
CA LEU E 70 -9.66 -6.36 -22.02
C LEU E 70 -10.37 -7.18 -23.09
N GLU E 71 -10.89 -6.47 -24.10
CA GLU E 71 -11.32 -7.06 -25.34
C GLU E 71 -11.00 -6.09 -26.47
N ALA E 72 -10.66 -6.65 -27.64
CA ALA E 72 -10.26 -5.89 -28.81
C ALA E 72 -11.50 -5.33 -29.52
N VAL E 73 -11.46 -4.03 -29.82
CA VAL E 73 -12.55 -3.35 -30.52
C VAL E 73 -12.52 -3.77 -32.00
N ALA E 74 -13.48 -4.61 -32.40
CA ALA E 74 -13.51 -5.17 -33.76
C ALA E 74 -14.80 -4.82 -34.51
N GLN E 75 -15.70 -4.02 -33.92
CA GLN E 75 -16.86 -3.51 -34.69
C GLN E 75 -16.35 -2.70 -35.88
N GLU E 76 -16.78 -3.10 -37.10
CA GLU E 76 -16.25 -2.51 -38.34
C GLU E 76 -16.50 -1.01 -38.36
N ASN E 77 -17.69 -0.59 -37.87
CA ASN E 77 -18.13 0.80 -37.90
C ASN E 77 -17.71 1.50 -36.60
N LEU E 78 -16.53 1.12 -36.10
CA LEU E 78 -15.70 1.88 -35.13
C LEU E 78 -14.23 1.85 -35.59
N TYR E 79 -13.78 0.66 -36.00
CA TYR E 79 -12.44 0.47 -36.51
C TYR E 79 -12.09 1.54 -37.57
N PHE E 80 -13.01 1.76 -38.53
CA PHE E 80 -12.75 2.59 -39.72
C PHE E 80 -11.87 3.80 -39.35
N MET F 1 10.58 -12.51 19.88
CA MET F 1 9.68 -12.34 18.68
C MET F 1 10.41 -11.48 17.64
N GLN F 2 9.79 -11.37 16.46
CA GLN F 2 10.31 -10.63 15.33
C GLN F 2 9.55 -9.29 15.21
N PHE F 3 10.09 -8.26 15.87
CA PHE F 3 9.55 -6.90 15.86
C PHE F 3 10.15 -6.10 14.71
N THR F 4 9.40 -6.01 13.61
CA THR F 4 9.80 -5.25 12.45
C THR F 4 9.67 -3.77 12.75
N PRO F 5 10.61 -2.91 12.29
CA PRO F 5 10.35 -1.47 12.25
C PRO F 5 8.95 -1.37 11.60
N ASP F 6 8.07 -0.56 12.19
CA ASP F 6 6.73 -0.26 11.65
C ASP F 6 5.68 -1.32 11.98
N SER F 7 6.08 -2.48 12.51
CA SER F 7 5.12 -3.53 12.91
C SER F 7 4.25 -3.02 14.07
N ALA F 8 2.94 -3.00 13.86
CA ALA F 8 1.97 -2.56 14.85
C ALA F 8 1.40 -3.76 15.60
N TRP F 9 1.15 -3.59 16.91
CA TRP F 9 0.83 -4.70 17.81
C TRP F 9 -0.27 -4.26 18.79
N LYS F 10 -1.35 -5.05 18.86
CA LYS F 10 -2.44 -4.85 19.80
C LYS F 10 -2.14 -5.61 21.09
N ILE F 11 -2.28 -4.92 22.23
CA ILE F 11 -2.18 -5.53 23.54
C ILE F 11 -3.52 -6.21 23.87
N THR F 12 -3.41 -7.41 24.48
CA THR F 12 -4.55 -8.24 24.92
C THR F 12 -4.44 -8.59 26.41
N GLY F 13 -3.26 -8.46 27.02
CA GLY F 13 -3.04 -8.83 28.41
C GLY F 13 -1.57 -8.77 28.82
N PHE F 14 -1.27 -9.25 30.03
CA PHE F 14 0.10 -9.40 30.51
C PHE F 14 0.34 -10.86 30.96
N SER F 15 1.59 -11.31 30.81
CA SER F 15 2.01 -12.64 31.27
C SER F 15 1.47 -12.86 32.68
N ARG F 16 1.13 -14.12 32.98
CA ARG F 16 0.67 -14.49 34.29
C ARG F 16 1.74 -14.12 35.33
N ASP F 17 3.01 -14.11 34.91
CA ASP F 17 4.19 -14.05 35.78
C ASP F 17 4.71 -12.62 35.95
N ILE F 18 4.04 -11.63 35.35
CA ILE F 18 4.47 -10.24 35.49
C ILE F 18 4.29 -9.83 36.96
N SER F 19 5.30 -9.12 37.51
CA SER F 19 5.17 -8.50 38.82
C SER F 19 4.18 -7.36 38.71
N PRO F 20 3.08 -7.33 39.51
CA PRO F 20 2.13 -6.22 39.48
C PRO F 20 2.74 -4.82 39.58
N ALA F 21 3.89 -4.69 40.25
CA ALA F 21 4.64 -3.44 40.30
C ALA F 21 5.08 -3.00 38.89
N TYR F 22 5.66 -3.93 38.12
CA TYR F 22 6.10 -3.62 36.74
C TYR F 22 4.89 -3.44 35.82
N ARG F 23 3.84 -4.24 36.04
CA ARG F 23 2.61 -4.13 35.29
C ARG F 23 2.04 -2.69 35.44
N GLN F 24 2.03 -2.18 36.67
CA GLN F 24 1.52 -0.83 36.96
C GLN F 24 2.35 0.22 36.20
N LYS F 25 3.66 0.02 36.11
CA LYS F 25 4.53 0.91 35.33
C LYS F 25 4.11 0.91 33.86
N LEU F 26 3.89 -0.29 33.29
CA LEU F 26 3.62 -0.39 31.84
C LEU F 26 2.23 0.20 31.53
N LEU F 27 1.25 -0.05 32.39
CA LEU F 27 -0.08 0.56 32.24
C LEU F 27 0.05 2.08 32.20
N SER F 28 0.90 2.61 33.09
CA SER F 28 1.07 4.06 33.29
C SER F 28 1.66 4.72 32.04
N LEU F 29 2.45 3.97 31.25
CA LEU F 29 3.05 4.48 30.00
C LEU F 29 2.11 4.25 28.81
N GLY F 30 0.91 3.72 29.07
CA GLY F 30 -0.17 3.59 28.08
C GLY F 30 -0.19 2.24 27.37
N MET F 31 0.46 1.22 27.95
CA MET F 31 0.41 -0.11 27.37
C MET F 31 -0.87 -0.80 27.87
N LEU F 32 -2.02 -0.22 27.50
CA LEU F 32 -3.32 -0.68 27.96
C LEU F 32 -3.78 -1.85 27.09
N PRO F 33 -4.27 -2.97 27.66
CA PRO F 33 -4.99 -3.96 26.86
C PRO F 33 -6.12 -3.26 26.07
N GLY F 34 -6.22 -3.56 24.77
CA GLY F 34 -7.22 -2.93 23.88
C GLY F 34 -6.60 -1.87 22.97
N SER F 35 -5.46 -1.29 23.41
CA SER F 35 -4.70 -0.32 22.59
C SER F 35 -3.63 -1.04 21.75
N SER F 36 -3.05 -0.28 20.82
CA SER F 36 -1.98 -0.74 19.93
C SER F 36 -0.77 0.21 20.04
N PHE F 37 0.42 -0.36 19.86
CA PHE F 37 1.66 0.42 19.84
C PHE F 37 2.40 0.16 18.52
N HIS F 38 3.32 1.07 18.21
CA HIS F 38 4.13 1.02 17.00
C HIS F 38 5.59 0.72 17.36
N VAL F 39 6.25 -0.18 16.63
CA VAL F 39 7.71 -0.35 16.76
C VAL F 39 8.39 0.77 15.96
N VAL F 40 9.39 1.40 16.57
CA VAL F 40 10.10 2.46 15.90
C VAL F 40 11.37 1.85 15.30
N ARG F 41 12.22 1.30 16.16
CA ARG F 41 13.44 0.61 15.75
C ARG F 41 13.76 -0.49 16.78
N VAL F 42 14.47 -1.52 16.31
CA VAL F 42 15.16 -2.46 17.18
C VAL F 42 16.66 -2.15 17.06
N ALA F 43 17.34 -2.09 18.21
CA ALA F 43 18.72 -1.67 18.28
C ALA F 43 19.58 -2.64 17.47
N PRO F 44 20.69 -2.15 16.86
CA PRO F 44 21.64 -3.04 16.20
C PRO F 44 21.93 -4.26 17.08
N LEU F 45 21.58 -5.46 16.60
CA LEU F 45 21.87 -6.74 17.28
C LEU F 45 20.71 -7.11 18.23
N GLY F 46 19.56 -6.46 18.05
CA GLY F 46 18.26 -7.01 18.42
C GLY F 46 17.84 -6.74 19.86
N ASP F 47 18.31 -5.64 20.47
CA ASP F 47 17.94 -5.28 21.85
C ASP F 47 18.55 -3.95 22.24
N PRO F 48 17.77 -3.03 22.82
CA PRO F 48 16.36 -3.19 23.14
C PRO F 48 15.45 -2.87 21.94
N VAL F 49 14.22 -2.44 22.24
CA VAL F 49 13.20 -2.17 21.23
C VAL F 49 12.57 -0.83 21.59
N HIS F 50 12.61 0.11 20.64
CA HIS F 50 12.02 1.43 20.75
C HIS F 50 10.59 1.35 20.23
N ILE F 51 9.61 1.68 21.10
CA ILE F 51 8.20 1.62 20.74
C ILE F 51 7.54 2.96 21.09
N GLU F 52 6.26 3.07 20.67
CA GLU F 52 5.50 4.30 20.68
C GLU F 52 4.05 3.98 21.04
N THR F 53 3.56 4.51 22.17
CA THR F 53 2.14 4.52 22.55
C THR F 53 1.56 5.91 22.26
N ARG F 54 0.24 6.05 22.34
CA ARG F 54 -0.44 7.35 22.28
C ARG F 54 0.14 8.31 23.33
N ARG F 55 0.45 7.81 24.53
CA ARG F 55 0.97 8.61 25.66
C ARG F 55 2.45 8.97 25.39
N VAL F 56 3.34 7.98 25.33
CA VAL F 56 4.80 8.23 25.30
C VAL F 56 5.53 7.32 24.30
N SER F 57 6.79 7.70 24.04
CA SER F 57 7.84 6.82 23.53
C SER F 57 8.44 6.09 24.73
N LEU F 58 8.76 4.81 24.56
CA LEU F 58 9.39 4.04 25.60
C LEU F 58 10.32 3.02 24.95
N VAL F 59 11.33 2.61 25.73
CA VAL F 59 12.27 1.64 25.29
C VAL F 59 12.19 0.50 26.31
N LEU F 60 12.09 -0.72 25.78
CA LEU F 60 12.14 -1.91 26.59
C LEU F 60 12.73 -3.06 25.77
N ARG F 61 13.12 -4.11 26.49
CA ARG F 61 13.84 -5.23 25.96
C ARG F 61 12.85 -6.25 25.39
N LYS F 62 13.39 -7.20 24.62
CA LYS F 62 12.62 -8.30 24.11
C LYS F 62 12.10 -9.15 25.27
N LYS F 63 12.90 -9.28 26.35
CA LYS F 63 12.48 -9.97 27.58
C LYS F 63 11.32 -9.22 28.24
N ASP F 64 11.36 -7.88 28.18
CA ASP F 64 10.31 -7.04 28.77
C ASP F 64 9.00 -7.23 28.00
N LEU F 65 9.09 -7.23 26.66
CA LEU F 65 7.91 -7.38 25.80
C LEU F 65 7.32 -8.79 25.90
N ALA F 66 8.13 -9.77 26.32
CA ALA F 66 7.63 -11.15 26.55
C ALA F 66 6.59 -11.20 27.68
N LEU F 67 6.64 -10.22 28.60
CA LEU F 67 5.70 -10.17 29.74
C LEU F 67 4.33 -9.60 29.32
N ILE F 68 4.21 -9.19 28.05
CA ILE F 68 3.00 -8.63 27.45
C ILE F 68 2.47 -9.64 26.43
N GLU F 69 1.16 -9.92 26.47
CA GLU F 69 0.51 -10.71 25.42
C GLU F 69 0.04 -9.75 24.32
N LEU F 70 0.64 -9.91 23.14
CA LEU F 70 0.39 -9.10 21.95
C LEU F 70 -0.37 -9.94 20.92
N GLU F 71 -0.88 -9.27 19.88
CA GLU F 71 -1.29 -9.91 18.64
C GLU F 71 -1.04 -8.93 17.49
N ALA F 72 -0.71 -9.49 16.31
CA ALA F 72 -0.45 -8.70 15.12
C ALA F 72 -1.79 -8.25 14.53
N VAL F 73 -1.86 -6.95 14.19
CA VAL F 73 -3.00 -6.38 13.53
C VAL F 73 -2.90 -6.75 12.05
N ALA F 74 -3.67 -7.77 11.63
CA ALA F 74 -3.62 -8.33 10.28
C ALA F 74 -4.92 -8.06 9.50
N GLN F 75 -5.83 -7.26 10.06
CA GLN F 75 -7.02 -6.80 9.35
C GLN F 75 -6.55 -5.95 8.16
N GLU F 76 -6.91 -6.36 6.95
CA GLU F 76 -6.39 -5.79 5.70
C GLU F 76 -6.67 -4.28 5.67
N ASN F 77 -7.93 -3.92 5.87
CA ASN F 77 -8.42 -2.55 5.76
C ASN F 77 -7.94 -1.70 6.94
N LEU F 78 -6.96 -2.21 7.72
CA LEU F 78 -6.25 -1.43 8.74
C LEU F 78 -4.72 -1.48 8.55
N TYR F 79 -4.19 -2.57 7.97
CA TYR F 79 -2.76 -2.71 7.69
C TYR F 79 -2.31 -1.66 6.66
N PHE F 80 -3.24 -1.28 5.76
CA PHE F 80 -3.00 -0.23 4.74
C PHE F 80 -2.04 0.84 5.28
#